data_3SI2
#
_entry.id   3SI2
#
_cell.length_a   41.760
_cell.length_b   83.060
_cell.length_c   95.710
_cell.angle_alpha   90.000
_cell.angle_beta   90.000
_cell.angle_gamma   90.000
#
_symmetry.space_group_name_H-M   'P 21 21 21'
#
loop_
_entity.id
_entity.type
_entity.pdbx_description
1 polymer 'Glutaminyl-peptide cyclotransferase'
2 branched 2-acetamido-2-deoxy-beta-D-glucopyranose-(1-4)-2-acetamido-2-deoxy-beta-D-glucopyranose-(1-4)-2-acetamido-2-deoxy-beta-D-glucopyranose
3 non-polymer 'ZINC ION'
4 non-polymer 1-(3,4-dimethoxyphenyl)-3-[3-(1H-imidazol-1-yl)propyl]thiourea
5 non-polymer 'SULFATE ION'
6 non-polymer 'ACETATE ION'
7 water water
#
_entity_poly.entity_id   1
_entity_poly.type   'polypeptide(L)'
_entity_poly.pdbx_seq_one_letter_code
;AWTQEKNHHQPAHLNSSSLQQVAEGTSISEMWQNDLRPLLIERYPGSPGSYSARQHIMQRIQRLQAEWVVEVDTFLSRTP
YGYRSFSNIISTLNPEAKRHLVLACHYDSKYFPRWDSRVFVGATDSAVPCAMMLELARALDKKLHSLKDVSGSKPDLSLQ
LIFFDGEEAFHHWSPQDSLYGSRHLAQKMASSPHPPGSRGTNQLDGMDLLVLLDLIGAANPTFPNFFPKTTRWFNRLQAI
EKELYELGLLKDHSLERKYFQNFGYGNIIQDDHIPFLRKGVPVLHLIASPFPEVWHTMDDNEENLHASTIDNLNKIIQVF
VLEYLHL
;
_entity_poly.pdbx_strand_id   A
#
loop_
_chem_comp.id
_chem_comp.type
_chem_comp.name
_chem_comp.formula
ACT non-polymer 'ACETATE ION' 'C2 H3 O2 -1'
NAG D-saccharide, beta linking 2-acetamido-2-deoxy-beta-D-glucopyranose 'C8 H15 N O6'
PBD non-polymer 1-(3,4-dimethoxyphenyl)-3-[3-(1H-imidazol-1-yl)propyl]thiourea 'C15 H20 N4 O2 S'
SO4 non-polymer 'SULFATE ION' 'O4 S -2'
ZN non-polymer 'ZINC ION' 'Zn 2'
#
# COMPACT_ATOMS: atom_id res chain seq x y z
N ALA A 1 27.98 2.49 -3.96
CA ALA A 1 27.28 1.25 -3.56
C ALA A 1 25.80 1.40 -3.97
N TRP A 2 25.20 0.31 -4.46
CA TRP A 2 23.87 0.41 -5.09
C TRP A 2 22.77 0.65 -4.08
N THR A 3 23.00 0.15 -2.87
CA THR A 3 22.07 0.27 -1.75
C THR A 3 21.84 1.73 -1.43
N GLN A 4 22.81 2.56 -1.78
CA GLN A 4 22.80 3.99 -1.52
C GLN A 4 22.00 4.71 -2.61
N GLU A 5 21.65 4.04 -3.70
CA GLU A 5 20.95 4.74 -4.81
C GLU A 5 19.57 5.33 -4.45
N LYS A 6 18.87 4.63 -3.56
CA LYS A 6 17.53 5.07 -3.17
C LYS A 6 17.61 6.44 -2.60
N ASN A 7 18.75 6.74 -1.98
CA ASN A 7 18.92 8.00 -1.29
C ASN A 7 19.09 9.16 -2.21
N HIS A 8 19.42 8.87 -3.46
CA HIS A 8 19.63 9.97 -4.38
C HIS A 8 18.65 9.89 -5.52
N HIS A 9 17.73 8.93 -5.42
CA HIS A 9 16.86 8.62 -6.54
C HIS A 9 15.95 9.79 -6.78
N GLN A 10 15.79 10.20 -8.02
CA GLN A 10 14.97 11.32 -8.29
C GLN A 10 13.82 10.89 -9.17
N PRO A 11 12.63 11.52 -9.01
CA PRO A 11 11.51 11.09 -9.86
C PRO A 11 11.61 11.71 -11.23
N ALA A 12 11.03 11.06 -12.21
CA ALA A 12 11.05 11.64 -13.55
C ALA A 12 9.69 12.14 -13.75
N HIS A 13 9.54 13.47 -13.72
CA HIS A 13 8.23 14.14 -13.75
C HIS A 13 7.47 13.95 -15.01
N LEU A 14 6.15 13.79 -14.85
CA LEU A 14 5.25 13.66 -15.97
C LEU A 14 4.79 15.03 -16.34
N ASN A 15 4.71 15.30 -17.63
CA ASN A 15 4.08 16.52 -18.08
C ASN A 15 2.56 16.39 -18.13
N SER A 16 1.95 17.49 -18.48
CA SER A 16 0.52 17.68 -18.46
C SER A 16 -0.24 16.56 -19.19
N SER A 17 0.38 16.11 -20.27
CA SER A 17 -0.21 15.13 -21.15
C SER A 17 -0.15 13.71 -20.56
N SER A 18 1.00 13.40 -19.99
CA SER A 18 1.21 12.11 -19.36
C SER A 18 0.38 12.09 -18.05
N LEU A 19 0.19 13.26 -17.41
CA LEU A 19 -0.63 13.32 -16.24
C LEU A 19 -2.06 13.06 -16.65
N GLN A 20 -2.50 13.65 -17.77
CA GLN A 20 -3.88 13.46 -18.21
C GLN A 20 -4.13 11.97 -18.54
N GLN A 21 -3.19 11.35 -19.24
CA GLN A 21 -3.15 9.88 -19.46
C GLN A 21 -3.33 9.15 -18.15
N VAL A 22 -2.54 9.49 -17.15
CA VAL A 22 -2.69 8.74 -15.90
C VAL A 22 -4.07 9.00 -15.33
N ALA A 23 -4.53 10.24 -15.27
CA ALA A 23 -5.83 10.46 -14.70
C ALA A 23 -6.91 9.67 -15.49
N GLU A 24 -6.77 9.55 -16.81
CA GLU A 24 -7.79 8.89 -17.67
C GLU A 24 -7.73 7.40 -17.56
N GLY A 25 -6.57 6.90 -17.17
CA GLY A 25 -6.35 5.50 -17.26
C GLY A 25 -6.78 4.73 -16.03
N THR A 26 -7.25 5.40 -14.99
CA THR A 26 -7.72 4.67 -13.81
C THR A 26 -9.23 4.83 -13.80
N SER A 27 -9.93 3.79 -13.38
CA SER A 27 -11.35 3.80 -13.28
C SER A 27 -11.72 3.41 -11.85
N ILE A 28 -12.32 4.34 -11.10
CA ILE A 28 -12.74 4.09 -9.76
C ILE A 28 -13.83 3.02 -9.71
N SER A 29 -14.71 2.99 -10.73
CA SER A 29 -15.84 2.10 -10.70
C SER A 29 -15.39 0.68 -11.05
N GLU A 30 -14.41 0.56 -11.91
CA GLU A 30 -13.83 -0.77 -12.20
C GLU A 30 -13.05 -1.19 -10.96
N MET A 31 -12.27 -0.29 -10.34
CA MET A 31 -11.63 -0.75 -9.10
C MET A 31 -12.72 -1.23 -8.14
N TRP A 32 -13.77 -0.44 -8.01
CA TRP A 32 -14.77 -0.71 -6.99
C TRP A 32 -15.33 -2.09 -7.24
N GLN A 33 -15.77 -2.34 -8.47
CA GLN A 33 -16.45 -3.58 -8.77
C GLN A 33 -15.49 -4.73 -8.72
N ASN A 34 -14.34 -4.59 -9.33
CA ASN A 34 -13.48 -5.73 -9.51
C ASN A 34 -12.40 -5.91 -8.51
N ASP A 35 -11.98 -4.85 -7.85
CA ASP A 35 -10.88 -5.02 -6.90
C ASP A 35 -11.34 -4.89 -5.49
N LEU A 36 -12.18 -3.92 -5.25
CA LEU A 36 -12.55 -3.57 -3.89
C LEU A 36 -13.65 -4.45 -3.33
N ARG A 37 -14.76 -4.53 -4.04
CA ARG A 37 -15.95 -5.27 -3.49
C ARG A 37 -15.67 -6.71 -3.05
N PRO A 38 -14.86 -7.47 -3.84
CA PRO A 38 -14.60 -8.81 -3.38
C PRO A 38 -13.75 -8.84 -2.08
N LEU A 39 -13.13 -7.72 -1.71
CA LEU A 39 -12.39 -7.61 -0.44
C LEU A 39 -13.27 -7.15 0.69
N LEU A 40 -14.47 -6.65 0.41
CA LEU A 40 -15.36 -6.16 1.51
C LEU A 40 -16.07 -7.30 2.28
N ILE A 41 -15.25 -8.13 2.87
CA ILE A 41 -15.72 -9.32 3.53
C ILE A 41 -14.90 -9.41 4.78
N GLU A 42 -15.39 -10.16 5.75
CA GLU A 42 -14.58 -10.38 6.90
C GLU A 42 -13.39 -11.19 6.49
N ARG A 43 -12.19 -10.73 6.82
CA ARG A 43 -11.04 -11.43 6.38
C ARG A 43 -9.98 -11.30 7.46
N TYR A 44 -10.36 -11.51 8.71
CA TYR A 44 -9.29 -11.54 9.71
C TYR A 44 -8.51 -12.82 9.51
N PRO A 45 -7.27 -12.89 10.02
CA PRO A 45 -6.45 -14.04 9.67
C PRO A 45 -7.06 -15.38 10.04
N GLY A 46 -6.99 -16.33 9.09
CA GLY A 46 -7.60 -17.64 9.29
C GLY A 46 -9.07 -17.70 8.96
N SER A 47 -9.72 -16.56 8.80
CA SER A 47 -11.09 -16.59 8.38
C SER A 47 -11.19 -17.07 6.91
N PRO A 48 -12.35 -17.62 6.51
CA PRO A 48 -12.62 -17.95 5.10
C PRO A 48 -12.31 -16.76 4.18
N GLY A 49 -12.68 -15.56 4.63
CA GLY A 49 -12.55 -14.37 3.90
C GLY A 49 -11.10 -14.07 3.70
N SER A 50 -10.22 -14.47 4.60
CA SER A 50 -8.79 -14.25 4.47
C SER A 50 -8.25 -14.97 3.22
N TYR A 51 -8.65 -16.21 3.08
CA TYR A 51 -8.33 -16.98 1.92
C TYR A 51 -8.94 -16.37 0.64
N SER A 52 -10.23 -15.99 0.67
CA SER A 52 -10.91 -15.45 -0.53
C SER A 52 -10.19 -14.18 -0.94
N ALA A 53 -9.81 -13.42 0.06
CA ALA A 53 -9.25 -12.12 -0.17
C ALA A 53 -7.87 -12.34 -0.80
N ARG A 54 -7.07 -13.25 -0.25
CA ARG A 54 -5.77 -13.59 -0.71
C ARG A 54 -5.84 -14.09 -2.15
N GLN A 55 -6.76 -15.01 -2.41
CA GLN A 55 -6.96 -15.48 -3.79
C GLN A 55 -7.36 -14.35 -4.77
N HIS A 56 -8.27 -13.49 -4.33
CA HIS A 56 -8.71 -12.41 -5.14
C HIS A 56 -7.54 -11.53 -5.49
N ILE A 57 -6.81 -11.11 -4.47
CA ILE A 57 -5.64 -10.25 -4.72
C ILE A 57 -4.71 -10.89 -5.70
N MET A 58 -4.42 -12.17 -5.50
CA MET A 58 -3.48 -12.79 -6.37
C MET A 58 -4.05 -12.98 -7.76
N GLN A 59 -5.30 -13.35 -7.82
CA GLN A 59 -5.95 -13.45 -9.17
C GLN A 59 -5.85 -12.13 -9.92
N ARG A 60 -6.14 -11.04 -9.23
CA ARG A 60 -6.16 -9.76 -9.88
C ARG A 60 -4.79 -9.39 -10.36
N ILE A 61 -3.76 -9.77 -9.63
CA ILE A 61 -2.45 -9.46 -10.09
C ILE A 61 -2.11 -10.32 -11.27
N GLN A 62 -2.42 -11.59 -11.15
CA GLN A 62 -1.97 -12.58 -12.13
C GLN A 62 -2.64 -12.34 -13.49
N ARG A 63 -3.85 -11.82 -13.50
CA ARG A 63 -4.53 -11.57 -14.76
C ARG A 63 -3.86 -10.43 -15.54
N LEU A 64 -2.93 -9.71 -14.93
CA LEU A 64 -2.33 -8.56 -15.60
C LEU A 64 -1.24 -8.96 -16.54
N GLN A 65 -0.89 -8.07 -17.45
CA GLN A 65 0.16 -8.42 -18.39
C GLN A 65 1.50 -8.29 -17.84
N ALA A 66 1.75 -7.31 -16.96
CA ALA A 66 3.06 -7.22 -16.35
C ALA A 66 3.40 -8.53 -15.67
N GLU A 67 4.68 -8.80 -15.56
CA GLU A 67 5.15 -10.12 -15.20
C GLU A 67 5.36 -10.18 -13.70
N TRP A 68 4.26 -9.96 -12.98
CA TRP A 68 4.24 -9.96 -11.55
C TRP A 68 4.55 -11.34 -11.09
N VAL A 69 5.47 -11.45 -10.17
CA VAL A 69 5.76 -12.72 -9.58
C VAL A 69 5.07 -12.66 -8.23
N VAL A 70 4.14 -13.56 -8.00
CA VAL A 70 3.34 -13.53 -6.80
C VAL A 70 3.84 -14.59 -5.88
N GLU A 71 4.06 -14.23 -4.61
CA GLU A 71 4.49 -15.19 -3.59
C GLU A 71 3.64 -14.95 -2.40
N VAL A 72 3.39 -16.00 -1.63
CA VAL A 72 2.67 -15.87 -0.36
C VAL A 72 3.67 -16.30 0.70
N ASP A 73 3.95 -15.41 1.67
CA ASP A 73 4.75 -15.70 2.81
C ASP A 73 3.80 -16.17 3.94
N THR A 74 3.63 -17.50 4.08
CA THR A 74 2.71 -18.08 5.05
C THR A 74 3.52 -18.61 6.24
N PHE A 75 3.02 -18.37 7.45
CA PHE A 75 3.79 -18.73 8.68
C PHE A 75 2.77 -18.69 9.75
N LEU A 76 3.13 -19.26 10.89
CA LEU A 76 2.33 -19.24 12.07
C LEU A 76 3.03 -18.36 13.09
N SER A 77 2.21 -17.67 13.86
CA SER A 77 2.79 -16.82 14.83
C SER A 77 1.84 -16.87 15.94
N ARG A 78 2.36 -16.70 17.15
CA ARG A 78 1.49 -16.71 18.30
C ARG A 78 0.76 -15.42 18.47
N THR A 79 -0.55 -15.52 18.61
CA THR A 79 -1.37 -14.42 18.88
C THR A 79 -2.02 -14.61 20.27
N PRO A 80 -2.79 -13.62 20.78
CA PRO A 80 -3.46 -13.91 22.07
C PRO A 80 -4.40 -15.09 22.06
N TYR A 81 -4.73 -15.63 20.88
CA TYR A 81 -5.66 -16.73 20.79
C TYR A 81 -4.92 -17.98 20.54
N GLY A 82 -3.59 -17.91 20.53
CA GLY A 82 -2.84 -19.09 20.20
C GLY A 82 -2.13 -18.90 18.88
N TYR A 83 -1.53 -19.97 18.34
CA TYR A 83 -0.82 -19.84 17.09
C TYR A 83 -1.86 -19.71 15.97
N ARG A 84 -1.56 -18.85 15.01
CA ARG A 84 -2.47 -18.62 13.89
C ARG A 84 -1.61 -18.54 12.64
N SER A 85 -2.23 -18.87 11.51
CA SER A 85 -1.53 -18.79 10.29
C SER A 85 -1.73 -17.41 9.65
N PHE A 86 -0.68 -16.89 9.02
CA PHE A 86 -0.81 -15.66 8.29
C PHE A 86 -0.19 -15.85 6.92
N SER A 87 -0.69 -15.12 5.93
CA SER A 87 -0.03 -15.18 4.65
C SER A 87 0.12 -13.79 4.11
N ASN A 88 1.31 -13.27 4.13
CA ASN A 88 1.57 -12.05 3.42
C ASN A 88 1.51 -12.39 1.93
N ILE A 89 1.07 -11.42 1.15
CA ILE A 89 1.18 -11.60 -0.30
C ILE A 89 2.20 -10.59 -0.85
N ILE A 90 3.10 -11.09 -1.64
CA ILE A 90 4.12 -10.24 -2.18
C ILE A 90 4.03 -10.38 -3.68
N SER A 91 3.95 -9.28 -4.36
CA SER A 91 3.82 -9.32 -5.85
C SER A 91 4.96 -8.54 -6.34
N THR A 92 5.84 -9.09 -7.17
CA THR A 92 7.07 -8.38 -7.52
C THR A 92 7.31 -8.36 -9.00
N LEU A 93 7.58 -7.18 -9.54
CA LEU A 93 7.99 -7.06 -10.88
C LEU A 93 9.48 -7.05 -10.89
N ASN A 94 10.05 -7.86 -11.78
CA ASN A 94 11.53 -7.92 -11.86
C ASN A 94 12.15 -8.31 -10.51
N PRO A 95 11.85 -9.53 -10.06
CA PRO A 95 12.36 -9.94 -8.77
C PRO A 95 13.87 -9.85 -8.70
N GLU A 96 14.60 -9.90 -9.84
CA GLU A 96 16.06 -9.80 -9.91
C GLU A 96 16.55 -8.38 -9.74
N ALA A 97 15.66 -7.42 -9.94
CA ALA A 97 16.13 -6.04 -9.83
C ALA A 97 16.60 -5.78 -8.39
N LYS A 98 17.73 -5.13 -8.26
CA LYS A 98 18.26 -4.87 -6.95
C LYS A 98 17.29 -4.04 -6.11
N ARG A 99 16.65 -3.06 -6.74
CA ARG A 99 15.78 -2.09 -6.06
C ARG A 99 14.32 -2.26 -6.44
N HIS A 100 13.46 -2.11 -5.44
CA HIS A 100 12.03 -1.95 -5.74
C HIS A 100 11.43 -0.86 -4.93
N LEU A 101 10.55 -0.09 -5.57
CA LEU A 101 9.62 0.78 -4.89
C LEU A 101 8.61 -0.23 -4.40
N VAL A 102 8.22 -0.09 -3.14
CA VAL A 102 7.25 -1.04 -2.60
C VAL A 102 6.01 -0.28 -2.17
N LEU A 103 4.85 -0.78 -2.58
CA LEU A 103 3.57 -0.23 -2.19
C LEU A 103 2.95 -1.32 -1.37
N ALA A 104 2.32 -0.93 -0.27
CA ALA A 104 1.85 -1.97 0.63
C ALA A 104 0.59 -1.55 1.23
N CYS A 105 -0.20 -2.57 1.57
CA CYS A 105 -1.34 -2.35 2.44
C CYS A 105 -1.39 -3.60 3.35
N HIS A 106 -2.39 -3.61 4.24
CA HIS A 106 -2.64 -4.87 4.95
C HIS A 106 -3.98 -5.31 4.46
N TYR A 107 -4.10 -6.60 4.21
CA TYR A 107 -5.30 -7.10 3.60
C TYR A 107 -6.16 -7.82 4.60
N ASP A 108 -5.69 -8.03 5.83
CA ASP A 108 -6.51 -8.62 6.83
C ASP A 108 -7.46 -7.62 7.33
N SER A 109 -8.53 -8.08 7.96
CA SER A 109 -9.41 -7.13 8.56
C SER A 109 -9.39 -7.51 10.03
N LYS A 110 -9.63 -6.55 10.87
CA LYS A 110 -9.47 -6.75 12.28
C LYS A 110 -10.53 -7.69 12.81
N TYR A 111 -10.11 -8.65 13.61
CA TYR A 111 -11.06 -9.52 14.23
C TYR A 111 -11.86 -8.81 15.28
N PHE A 112 -13.18 -8.96 15.20
CA PHE A 112 -14.00 -8.63 16.29
C PHE A 112 -14.88 -9.83 16.54
N PRO A 113 -15.16 -10.10 17.80
CA PRO A 113 -16.13 -11.15 18.14
C PRO A 113 -17.40 -10.96 17.37
N ARG A 114 -17.82 -12.04 16.71
CA ARG A 114 -19.04 -12.04 15.97
C ARG A 114 -20.23 -12.02 16.92
N TRP A 115 -20.70 -10.83 17.27
CA TRP A 115 -21.80 -10.73 18.21
C TRP A 115 -23.15 -10.50 17.64
N ASP A 116 -23.22 -10.19 16.34
CA ASP A 116 -24.52 -9.98 15.68
C ASP A 116 -24.25 -10.33 14.21
N SER A 117 -25.17 -10.07 13.34
CA SER A 117 -25.00 -10.46 11.94
C SER A 117 -23.92 -9.73 11.20
N ARG A 118 -23.56 -8.54 11.68
CA ARG A 118 -22.62 -7.69 10.92
C ARG A 118 -21.23 -8.19 11.12
N VAL A 119 -20.35 -7.85 10.16
CA VAL A 119 -18.97 -8.13 10.31
C VAL A 119 -18.20 -6.91 9.95
N PHE A 120 -17.03 -6.84 10.52
CA PHE A 120 -16.16 -5.72 10.29
C PHE A 120 -15.37 -6.05 9.05
N VAL A 121 -15.49 -5.20 8.05
CA VAL A 121 -14.78 -5.50 6.84
C VAL A 121 -13.68 -4.48 6.56
N GLY A 122 -13.50 -3.50 7.44
CA GLY A 122 -12.41 -2.51 7.28
C GLY A 122 -12.28 -2.03 5.85
N ALA A 123 -13.31 -1.34 5.40
CA ALA A 123 -13.32 -0.80 4.00
C ALA A 123 -12.17 0.12 3.86
N THR A 124 -11.94 1.00 4.83
CA THR A 124 -10.77 1.87 4.68
C THR A 124 -9.50 1.25 5.17
N ASP A 125 -9.70 0.16 5.91
CA ASP A 125 -8.70 -0.38 6.73
C ASP A 125 -8.62 -1.87 6.55
N SER A 126 -8.11 -2.34 5.42
CA SER A 126 -7.52 -1.54 4.39
C SER A 126 -7.95 -2.09 3.04
N ALA A 127 -9.23 -2.42 2.94
CA ALA A 127 -9.64 -2.97 1.67
C ALA A 127 -9.38 -1.97 0.53
N VAL A 128 -9.73 -0.69 0.80
CA VAL A 128 -9.54 0.36 -0.22
C VAL A 128 -8.07 0.47 -0.53
N PRO A 129 -7.20 0.66 0.49
CA PRO A 129 -5.76 0.64 0.10
C PRO A 129 -5.32 -0.54 -0.73
N CYS A 130 -5.75 -1.73 -0.38
CA CYS A 130 -5.38 -2.91 -1.21
C CYS A 130 -5.97 -2.80 -2.61
N ALA A 131 -7.22 -2.36 -2.70
CA ALA A 131 -7.93 -2.29 -3.99
C ALA A 131 -7.21 -1.20 -4.85
N MET A 132 -6.68 -0.22 -4.16
CA MET A 132 -5.93 0.85 -4.80
C MET A 132 -4.68 0.37 -5.40
N MET A 133 -3.99 -0.49 -4.68
CA MET A 133 -2.79 -1.13 -5.20
C MET A 133 -3.16 -2.00 -6.41
N LEU A 134 -4.23 -2.74 -6.30
CA LEU A 134 -4.61 -3.56 -7.42
C LEU A 134 -4.95 -2.67 -8.62
N GLU A 135 -5.65 -1.58 -8.34
CA GLU A 135 -6.12 -0.70 -9.41
C GLU A 135 -4.84 -0.09 -10.03
N LEU A 136 -3.87 0.22 -9.18
CA LEU A 136 -2.68 0.82 -9.71
C LEU A 136 -2.02 -0.16 -10.64
N ALA A 137 -1.89 -1.39 -10.16
CA ALA A 137 -1.23 -2.36 -10.99
C ALA A 137 -1.91 -2.50 -12.30
N ARG A 138 -3.25 -2.55 -12.27
CA ARG A 138 -4.05 -2.64 -13.50
C ARG A 138 -3.92 -1.36 -14.38
N ALA A 139 -4.26 -0.19 -13.81
CA ALA A 139 -4.15 1.06 -14.57
C ALA A 139 -2.81 1.22 -15.24
N LEU A 140 -1.73 0.86 -14.55
CA LEU A 140 -0.35 1.07 -15.02
C LEU A 140 0.22 -0.15 -15.73
N ASP A 141 -0.64 -1.10 -16.00
CA ASP A 141 -0.15 -2.40 -16.40
C ASP A 141 0.80 -2.32 -17.60
N LYS A 142 0.40 -1.53 -18.58
CA LYS A 142 1.17 -1.52 -19.84
C LYS A 142 2.53 -0.91 -19.57
N LYS A 143 2.58 0.24 -18.91
CA LYS A 143 3.87 0.78 -18.54
C LYS A 143 4.70 -0.10 -17.65
N LEU A 144 4.05 -0.72 -16.65
CA LEU A 144 4.79 -1.57 -15.72
C LEU A 144 5.25 -2.75 -16.49
N HIS A 145 4.45 -3.21 -17.46
CA HIS A 145 4.86 -4.37 -18.28
C HIS A 145 6.20 -4.12 -18.97
N SER A 146 6.40 -2.87 -19.38
CA SER A 146 7.56 -2.45 -20.12
C SER A 146 8.85 -2.48 -19.28
N LEU A 147 8.71 -2.54 -17.96
CA LEU A 147 9.86 -2.79 -17.08
C LEU A 147 10.52 -4.17 -17.31
N LYS A 148 9.90 -5.07 -18.06
CA LYS A 148 10.57 -6.35 -18.36
C LYS A 148 11.84 -6.11 -19.19
N ASP A 149 11.85 -5.03 -19.97
CA ASP A 149 12.98 -4.68 -20.86
C ASP A 149 13.92 -3.76 -20.08
N PRO A 155 18.25 2.97 -13.55
CA PRO A 155 18.30 2.27 -12.28
C PRO A 155 17.66 0.88 -12.42
N ASP A 156 18.31 -0.07 -11.75
CA ASP A 156 17.89 -1.44 -11.67
C ASP A 156 16.74 -1.41 -10.64
N LEU A 157 15.57 -0.98 -11.09
CA LEU A 157 14.52 -0.58 -10.14
C LEU A 157 13.16 -0.96 -10.69
N SER A 158 12.37 -1.61 -9.85
CA SER A 158 11.06 -1.97 -10.31
C SER A 158 10.10 -1.82 -9.12
N LEU A 159 8.98 -2.50 -9.18
CA LEU A 159 7.90 -2.27 -8.29
C LEU A 159 7.55 -3.52 -7.58
N GLN A 160 7.24 -3.37 -6.28
CA GLN A 160 6.72 -4.55 -5.57
C GLN A 160 5.50 -4.06 -4.82
N LEU A 161 4.54 -4.98 -4.66
CA LEU A 161 3.34 -4.73 -3.83
C LEU A 161 3.39 -5.76 -2.74
N ILE A 162 3.04 -5.33 -1.54
CA ILE A 162 2.96 -6.26 -0.43
C ILE A 162 1.58 -6.05 0.17
N PHE A 163 0.86 -7.13 0.37
CA PHE A 163 -0.40 -7.13 1.07
C PHE A 163 -0.14 -7.90 2.32
N PHE A 164 0.01 -7.13 3.41
CA PHE A 164 0.41 -7.77 4.70
C PHE A 164 -0.80 -8.41 5.25
N ASP A 165 -0.58 -9.57 5.85
CA ASP A 165 -1.67 -10.15 6.60
C ASP A 165 -1.39 -9.81 8.06
N GLY A 166 -2.39 -9.93 8.92
CA GLY A 166 -2.14 -9.84 10.37
C GLY A 166 -1.61 -8.49 10.80
N GLU A 167 -1.88 -7.42 10.10
CA GLU A 167 -1.53 -6.09 10.64
C GLU A 167 -2.21 -5.84 12.00
N GLU A 168 -3.51 -6.20 12.03
CA GLU A 168 -4.35 -5.91 13.16
C GLU A 168 -4.12 -6.81 14.36
N ALA A 169 -4.21 -6.17 15.52
CA ALA A 169 -4.25 -6.92 16.78
C ALA A 169 -5.46 -7.84 16.79
N PHE A 170 -5.30 -8.99 17.40
CA PHE A 170 -6.37 -9.89 17.67
C PHE A 170 -7.14 -9.51 18.89
N HIS A 171 -6.48 -8.86 19.82
CA HIS A 171 -7.17 -8.59 21.07
C HIS A 171 -7.04 -7.15 21.46
N HIS A 172 -5.81 -6.69 21.65
CA HIS A 172 -5.56 -5.33 22.07
C HIS A 172 -4.24 -4.92 21.45
N TRP A 173 -4.23 -3.80 20.74
CA TRP A 173 -3.06 -3.47 19.96
C TRP A 173 -1.87 -3.38 20.87
N SER A 174 -0.80 -4.06 20.50
CA SER A 174 0.43 -4.04 21.28
C SER A 174 1.56 -4.53 20.39
N PRO A 175 2.85 -4.34 20.81
CA PRO A 175 3.82 -4.85 19.83
C PRO A 175 3.78 -6.35 19.71
N GLN A 176 3.32 -7.08 20.73
CA GLN A 176 3.16 -8.55 20.60
C GLN A 176 1.91 -8.88 19.80
N ASP A 177 0.95 -7.99 19.84
CA ASP A 177 -0.31 -8.29 19.20
C ASP A 177 -0.60 -7.23 18.12
N SER A 178 0.15 -7.27 17.04
CA SER A 178 -0.04 -6.41 15.88
C SER A 178 1.05 -6.74 14.94
N LEU A 179 0.87 -6.44 13.67
CA LEU A 179 1.96 -6.41 12.73
C LEU A 179 2.53 -7.76 12.54
N TYR A 180 1.71 -8.79 12.65
CA TYR A 180 2.26 -10.12 12.56
C TYR A 180 2.86 -10.34 11.22
N GLY A 181 2.15 -9.96 10.16
CA GLY A 181 2.66 -10.21 8.82
C GLY A 181 3.84 -9.37 8.49
N SER A 182 3.81 -8.08 8.86
CA SER A 182 4.95 -7.21 8.52
C SER A 182 6.15 -7.52 9.41
N ARG A 183 5.91 -7.91 10.67
CA ARG A 183 7.08 -8.28 11.46
C ARG A 183 7.73 -9.47 10.85
N HIS A 184 6.89 -10.39 10.42
CA HIS A 184 7.44 -11.62 9.91
C HIS A 184 8.18 -11.35 8.62
N LEU A 185 7.54 -10.57 7.74
CA LEU A 185 8.15 -10.35 6.44
C LEU A 185 9.40 -9.52 6.52
N ALA A 186 9.43 -8.51 7.36
CA ALA A 186 10.62 -7.65 7.48
C ALA A 186 11.78 -8.54 7.91
N GLN A 187 11.46 -9.50 8.74
CA GLN A 187 12.50 -10.37 9.32
C GLN A 187 13.02 -11.30 8.18
N LYS A 188 12.08 -11.81 7.43
CA LYS A 188 12.32 -12.65 6.30
C LYS A 188 13.18 -11.95 5.25
N MET A 189 12.85 -10.69 4.92
CA MET A 189 13.59 -9.95 3.91
C MET A 189 14.98 -9.62 4.46
N ALA A 190 15.08 -9.51 5.79
CA ALA A 190 16.40 -9.27 6.36
C ALA A 190 17.25 -10.51 6.23
N SER A 191 16.67 -11.71 6.23
CA SER A 191 17.42 -12.96 6.07
C SER A 191 17.34 -13.44 4.63
N SER A 192 17.16 -12.51 3.70
CA SER A 192 17.05 -12.91 2.33
C SER A 192 18.06 -12.13 1.54
N PRO A 193 19.25 -12.70 1.30
CA PRO A 193 20.20 -11.84 0.62
C PRO A 193 19.62 -11.43 -0.74
N HIS A 194 19.96 -10.22 -1.11
CA HIS A 194 19.53 -9.65 -2.35
C HIS A 194 20.53 -8.67 -2.93
N PRO A 195 20.93 -8.82 -4.20
CA PRO A 195 20.54 -9.87 -5.14
C PRO A 195 21.01 -11.22 -4.65
N PRO A 196 20.41 -12.30 -5.15
CA PRO A 196 20.88 -13.62 -4.70
C PRO A 196 22.40 -13.79 -4.85
N GLY A 197 23.10 -14.19 -3.76
CA GLY A 197 24.57 -14.48 -3.78
C GLY A 197 25.38 -13.19 -3.59
N SER A 198 24.62 -12.17 -3.21
CA SER A 198 25.17 -10.97 -2.68
C SER A 198 25.66 -11.40 -1.30
N ARG A 199 26.66 -10.76 -0.70
CA ARG A 199 27.08 -11.25 0.64
C ARG A 199 26.38 -10.57 1.78
N GLY A 200 26.37 -9.25 1.66
CA GLY A 200 26.00 -8.40 2.75
C GLY A 200 24.73 -7.64 2.54
N THR A 201 24.02 -7.89 1.45
CA THR A 201 22.82 -7.07 1.15
C THR A 201 21.62 -8.01 1.15
N ASN A 202 20.45 -7.50 1.59
CA ASN A 202 19.29 -8.38 1.68
C ASN A 202 18.13 -7.63 0.99
N GLN A 203 16.98 -8.23 0.99
CA GLN A 203 15.80 -7.64 0.35
C GLN A 203 15.41 -6.32 0.99
N LEU A 204 15.73 -6.13 2.26
CA LEU A 204 15.42 -4.83 2.85
C LEU A 204 16.19 -3.71 2.19
N ASP A 205 17.45 -4.00 1.86
CA ASP A 205 18.30 -3.05 1.14
C ASP A 205 17.71 -2.72 -0.18
N GLY A 206 17.08 -3.69 -0.77
CA GLY A 206 16.42 -3.51 -2.04
C GLY A 206 15.20 -2.63 -2.00
N MET A 207 14.66 -2.38 -0.79
CA MET A 207 13.46 -1.57 -0.69
C MET A 207 13.84 -0.13 -0.77
N ASP A 208 13.61 0.47 -1.93
CA ASP A 208 13.94 1.86 -2.13
C ASP A 208 13.14 2.74 -1.19
N LEU A 209 11.85 2.40 -1.13
CA LEU A 209 10.87 3.19 -0.48
C LEU A 209 9.71 2.26 -0.25
N LEU A 210 9.21 2.26 0.99
CA LEU A 210 8.01 1.53 1.31
C LEU A 210 6.91 2.56 1.47
N VAL A 211 5.94 2.51 0.57
CA VAL A 211 4.81 3.42 0.62
C VAL A 211 3.65 2.60 1.10
N LEU A 212 3.26 2.90 2.32
CA LEU A 212 2.29 2.06 3.02
C LEU A 212 1.02 2.82 3.08
N LEU A 213 -0.04 2.26 2.51
CA LEU A 213 -1.29 2.95 2.38
C LEU A 213 -2.14 2.35 3.45
N ASP A 214 -2.77 3.22 4.24
CA ASP A 214 -3.67 2.71 5.26
C ASP A 214 -4.78 3.73 5.55
N LEU A 215 -5.97 3.24 5.85
CA LEU A 215 -7.02 4.14 6.27
C LEU A 215 -7.32 5.14 5.20
N ILE A 216 -7.58 4.62 4.01
CA ILE A 216 -7.97 5.46 2.91
C ILE A 216 -9.33 5.06 2.46
N GLY A 217 -10.18 6.07 2.22
CA GLY A 217 -11.43 5.85 1.62
C GLY A 217 -12.47 6.77 2.21
N ALA A 218 -12.20 7.32 3.38
CA ALA A 218 -13.04 8.37 3.97
C ALA A 218 -12.88 9.67 3.16
N ALA A 219 -13.92 10.49 3.23
CA ALA A 219 -13.91 11.84 2.70
C ALA A 219 -12.88 12.65 3.51
N ASN A 220 -12.21 13.56 2.85
CA ASN A 220 -11.32 14.51 3.52
C ASN A 220 -10.25 13.93 4.44
N PRO A 221 -9.52 12.92 3.94
CA PRO A 221 -8.35 12.43 4.61
C PRO A 221 -7.26 13.52 4.59
N THR A 222 -6.35 13.44 5.54
CA THR A 222 -5.16 14.21 5.52
C THR A 222 -4.08 13.22 5.93
N PHE A 223 -3.02 13.20 5.14
CA PHE A 223 -1.87 12.33 5.29
C PHE A 223 -0.70 13.13 5.79
N PRO A 224 -0.26 12.87 7.03
CA PRO A 224 0.85 13.59 7.61
C PRO A 224 2.14 13.14 6.95
N ASN A 225 3.13 14.01 7.04
CA ASN A 225 4.47 13.68 6.62
C ASN A 225 5.26 13.24 7.83
N PHE A 226 5.58 11.97 7.94
CA PHE A 226 6.07 11.47 9.17
C PHE A 226 7.58 11.51 9.26
N PHE A 227 8.25 11.44 8.11
CA PHE A 227 9.66 11.09 8.14
C PHE A 227 10.51 12.05 7.37
N PRO A 228 11.47 12.71 8.07
CA PRO A 228 12.47 13.54 7.36
C PRO A 228 13.05 12.83 6.16
N LYS A 229 13.48 11.60 6.35
CA LYS A 229 14.04 10.76 5.30
C LYS A 229 13.26 10.74 3.98
N THR A 230 11.94 10.71 4.02
CA THR A 230 11.19 10.64 2.77
C THR A 230 10.37 11.87 2.52
N THR A 231 10.70 12.98 3.21
CA THR A 231 9.91 14.17 3.02
C THR A 231 9.87 14.59 1.56
N ARG A 232 10.94 14.34 0.82
CA ARG A 232 10.95 14.78 -0.61
C ARG A 232 9.93 14.02 -1.40
N TRP A 233 9.70 12.78 -0.98
CA TRP A 233 8.67 11.99 -1.63
C TRP A 233 7.31 12.43 -1.16
N PHE A 234 7.21 12.84 0.09
CA PHE A 234 5.92 13.41 0.50
C PHE A 234 5.61 14.64 -0.32
N ASN A 235 6.63 15.46 -0.50
CA ASN A 235 6.55 16.68 -1.31
C ASN A 235 6.11 16.39 -2.75
N ARG A 236 6.54 15.26 -3.30
CA ARG A 236 6.14 14.87 -4.62
C ARG A 236 4.69 14.57 -4.56
N LEU A 237 4.19 13.83 -3.55
CA LEU A 237 2.71 13.70 -3.52
C LEU A 237 2.01 15.06 -3.50
N GLN A 238 2.48 15.98 -2.67
CA GLN A 238 1.84 17.30 -2.63
C GLN A 238 1.80 17.96 -4.01
N ALA A 239 2.95 17.95 -4.66
CA ALA A 239 3.12 18.56 -5.99
C ALA A 239 2.16 17.91 -6.99
N ILE A 240 2.07 16.56 -6.92
CA ILE A 240 1.16 15.82 -7.78
C ILE A 240 -0.30 16.18 -7.52
N GLU A 241 -0.72 16.17 -6.27
CA GLU A 241 -2.06 16.58 -5.91
C GLU A 241 -2.37 17.96 -6.48
N LYS A 242 -1.39 18.82 -6.36
CA LYS A 242 -1.55 20.21 -6.78
C LYS A 242 -1.70 20.31 -8.32
N GLU A 243 -0.79 19.68 -9.05
CA GLU A 243 -0.76 19.78 -10.51
C GLU A 243 -1.96 19.00 -11.03
N LEU A 244 -2.30 17.85 -10.40
CA LEU A 244 -3.45 17.22 -10.91
C LEU A 244 -4.61 18.12 -10.66
N TYR A 245 -4.62 18.76 -9.49
CA TYR A 245 -5.79 19.61 -9.18
C TYR A 245 -5.86 20.65 -10.28
N GLU A 246 -4.70 21.24 -10.59
CA GLU A 246 -4.70 22.44 -11.45
C GLU A 246 -5.07 22.08 -12.87
N LEU A 247 -4.84 20.83 -13.24
CA LEU A 247 -5.17 20.39 -14.59
C LEU A 247 -6.63 19.95 -14.68
N GLY A 248 -7.36 20.07 -13.58
CA GLY A 248 -8.80 19.74 -13.54
C GLY A 248 -8.94 18.21 -13.69
N LEU A 249 -7.98 17.49 -13.17
CA LEU A 249 -7.93 16.03 -13.25
C LEU A 249 -8.28 15.34 -11.93
N LEU A 250 -8.63 16.09 -10.90
CA LEU A 250 -9.15 15.49 -9.71
C LEU A 250 -10.62 15.78 -9.67
N LYS A 251 -11.33 15.15 -8.76
CA LYS A 251 -12.72 15.36 -8.70
C LYS A 251 -13.13 15.67 -7.28
N ASP A 252 -14.11 16.56 -7.17
CA ASP A 252 -14.65 16.97 -5.91
C ASP A 252 -13.62 17.28 -4.87
N HIS A 253 -12.59 17.98 -5.29
CA HIS A 253 -11.49 18.21 -4.40
C HIS A 253 -10.74 19.46 -4.78
N SER A 254 -10.75 20.43 -3.87
CA SER A 254 -9.93 21.60 -4.04
C SER A 254 -8.67 21.45 -3.17
N LEU A 255 -7.77 22.42 -3.26
CA LEU A 255 -6.62 22.40 -2.40
C LEU A 255 -6.92 23.15 -1.09
N GLU A 256 -8.19 23.36 -0.80
CA GLU A 256 -8.59 24.08 0.41
C GLU A 256 -8.13 23.26 1.62
N ARG A 257 -8.25 21.95 1.45
CA ARG A 257 -7.81 20.98 2.43
C ARG A 257 -7.03 19.87 1.71
N LYS A 258 -5.79 20.17 1.37
CA LYS A 258 -4.96 19.30 0.58
C LYS A 258 -4.93 17.94 1.29
N TYR A 259 -4.92 16.85 0.53
CA TYR A 259 -4.70 15.57 1.17
C TYR A 259 -3.37 15.53 1.81
N PHE A 260 -2.37 16.08 1.14
CA PHE A 260 -1.03 16.05 1.61
C PHE A 260 -0.63 17.39 2.19
N GLN A 261 -0.83 17.41 3.49
CA GLN A 261 -0.63 18.54 4.35
C GLN A 261 0.49 18.11 5.22
N ASN A 262 1.54 18.90 5.14
CA ASN A 262 2.65 18.75 6.02
C ASN A 262 2.56 19.80 7.13
N PHE A 263 2.07 19.39 8.31
CA PHE A 263 2.10 20.26 9.47
C PHE A 263 3.24 19.81 10.40
N GLY A 264 4.38 19.53 9.77
CA GLY A 264 5.55 19.10 10.52
C GLY A 264 5.58 17.60 10.62
N TYR A 265 6.75 17.06 10.93
CA TYR A 265 6.87 15.65 11.09
C TYR A 265 5.82 15.14 12.07
N GLY A 266 4.82 14.41 11.50
CA GLY A 266 3.84 13.61 12.23
C GLY A 266 4.47 12.70 13.31
N ASN A 267 3.80 12.55 14.42
CA ASN A 267 4.15 11.59 15.41
C ASN A 267 3.78 10.23 14.83
N ILE A 268 4.76 9.35 14.80
CA ILE A 268 4.65 8.05 14.15
C ILE A 268 3.45 7.30 14.63
N ILE A 269 2.74 6.62 13.70
CA ILE A 269 1.60 5.80 14.04
C ILE A 269 2.04 4.36 13.76
N GLN A 270 1.92 3.46 14.70
CA GLN A 270 2.35 2.07 14.46
C GLN A 270 1.49 1.46 13.37
N ASP A 271 2.17 0.70 12.53
CA ASP A 271 1.55 0.10 11.33
C ASP A 271 2.62 -0.79 10.72
N ASP A 272 2.24 -1.41 9.62
CA ASP A 272 3.09 -2.42 9.02
C ASP A 272 4.41 -1.87 8.57
N HIS A 273 4.58 -0.54 8.47
CA HIS A 273 5.92 -0.04 8.11
C HIS A 273 6.95 -0.13 9.23
N ILE A 274 6.49 -0.25 10.45
CA ILE A 274 7.43 -0.14 11.59
C ILE A 274 8.56 -1.16 11.54
N PRO A 275 8.24 -2.48 11.32
CA PRO A 275 9.32 -3.48 11.29
C PRO A 275 10.31 -3.12 10.21
N PHE A 276 9.86 -2.49 9.12
CA PHE A 276 10.78 -2.03 8.04
C PHE A 276 11.52 -0.77 8.38
N LEU A 277 10.80 0.16 8.94
CA LEU A 277 11.43 1.43 9.32
C LEU A 277 12.56 1.16 10.31
N ARG A 278 12.30 0.22 11.20
CA ARG A 278 13.20 -0.19 12.27
C ARG A 278 14.55 -0.61 11.68
N LYS A 279 14.51 -1.21 10.49
CA LYS A 279 15.69 -1.69 9.78
C LYS A 279 16.27 -0.64 8.84
N GLY A 280 15.81 0.60 8.98
CA GLY A 280 16.23 1.71 8.10
C GLY A 280 15.62 1.77 6.70
N VAL A 281 14.57 0.98 6.44
CA VAL A 281 13.92 1.10 5.15
C VAL A 281 13.25 2.44 5.13
N PRO A 282 13.37 3.17 4.00
CA PRO A 282 12.70 4.40 3.99
C PRO A 282 11.23 4.19 3.78
N VAL A 283 10.46 4.99 4.52
CA VAL A 283 9.02 4.77 4.52
C VAL A 283 8.29 6.03 4.15
N LEU A 284 7.24 5.88 3.36
CA LEU A 284 6.27 6.91 3.21
C LEU A 284 4.95 6.33 3.69
N HIS A 285 4.46 6.83 4.82
CA HIS A 285 3.32 6.20 5.46
C HIS A 285 2.05 7.01 5.14
N LEU A 286 1.28 6.47 4.21
CA LEU A 286 0.12 7.18 3.76
C LEU A 286 -1.05 6.62 4.51
N ILE A 287 -1.19 7.07 5.74
CA ILE A 287 -2.33 6.76 6.58
C ILE A 287 -3.05 8.07 6.88
N ALA A 288 -4.37 8.04 6.92
CA ALA A 288 -5.15 9.26 7.14
C ALA A 288 -5.06 9.50 8.59
N SER A 289 -4.87 10.75 8.94
CA SER A 289 -4.79 11.13 10.31
C SER A 289 -5.30 12.57 10.30
N PRO A 290 -6.41 12.79 11.01
CA PRO A 290 -7.03 11.81 11.96
C PRO A 290 -7.68 10.61 11.29
N PHE A 291 -7.76 9.53 12.03
CA PHE A 291 -8.45 8.36 11.55
C PHE A 291 -9.91 8.71 11.25
N PRO A 292 -10.51 8.06 10.26
CA PRO A 292 -11.90 8.14 9.97
C PRO A 292 -12.74 7.86 11.25
N GLU A 293 -13.86 8.57 11.35
CA GLU A 293 -14.80 8.37 12.43
C GLU A 293 -15.15 6.91 12.48
N VAL A 294 -15.23 6.27 11.31
CA VAL A 294 -15.62 4.85 11.21
C VAL A 294 -14.56 3.83 11.58
N TRP A 295 -13.38 4.31 11.87
CA TRP A 295 -12.24 3.43 12.24
C TRP A 295 -12.59 2.40 13.28
N HIS A 296 -12.41 1.14 12.87
CA HIS A 296 -12.61 -0.07 13.72
C HIS A 296 -14.02 -0.11 14.20
N THR A 297 -14.93 0.40 13.40
CA THR A 297 -16.37 0.22 13.69
C THR A 297 -16.94 -0.54 12.53
N MET A 298 -18.15 -1.05 12.70
CA MET A 298 -18.84 -1.71 11.58
C MET A 298 -19.18 -0.83 10.42
N ASP A 299 -19.16 0.47 10.60
CA ASP A 299 -19.49 1.39 9.60
C ASP A 299 -18.30 1.69 8.79
N ASP A 300 -17.16 1.02 9.08
CA ASP A 300 -16.07 1.14 8.12
C ASP A 300 -16.39 0.20 6.98
N ASN A 301 -17.31 0.67 6.14
CA ASN A 301 -17.91 -0.22 5.19
C ASN A 301 -17.99 0.47 3.86
N GLU A 302 -18.49 -0.24 2.89
CA GLU A 302 -18.64 0.35 1.54
C GLU A 302 -19.38 1.66 1.47
N GLU A 303 -20.52 1.70 2.16
CA GLU A 303 -21.35 2.89 2.16
C GLU A 303 -20.63 4.15 2.57
N ASN A 304 -19.71 4.04 3.51
CA ASN A 304 -19.04 5.23 4.02
C ASN A 304 -17.78 5.59 3.26
N LEU A 305 -17.51 4.85 2.22
CA LEU A 305 -16.39 5.21 1.36
C LEU A 305 -16.75 6.38 0.43
N HIS A 306 -15.76 7.18 0.13
CA HIS A 306 -15.98 8.36 -0.70
C HIS A 306 -15.20 8.14 -1.99
N ALA A 307 -15.90 7.87 -3.06
CA ALA A 307 -15.26 7.36 -4.25
C ALA A 307 -14.34 8.39 -4.84
N SER A 308 -14.72 9.67 -4.85
CA SER A 308 -13.89 10.63 -5.55
C SER A 308 -12.59 10.72 -4.83
N THR A 309 -12.60 10.59 -3.50
CA THR A 309 -11.39 10.76 -2.78
C THR A 309 -10.45 9.64 -3.17
N ILE A 310 -10.98 8.43 -3.26
CA ILE A 310 -10.13 7.28 -3.57
C ILE A 310 -9.59 7.41 -5.02
N ASP A 311 -10.48 7.87 -5.89
CA ASP A 311 -10.13 8.06 -7.28
C ASP A 311 -9.04 9.14 -7.37
N ASN A 312 -9.18 10.26 -6.66
CA ASN A 312 -8.10 11.25 -6.67
C ASN A 312 -6.79 10.62 -6.21
N LEU A 313 -6.86 9.85 -5.14
CA LEU A 313 -5.64 9.39 -4.56
C LEU A 313 -5.06 8.30 -5.47
N ASN A 314 -5.94 7.54 -6.09
CA ASN A 314 -5.45 6.63 -7.16
C ASN A 314 -4.66 7.39 -8.18
N LYS A 315 -5.20 8.53 -8.64
CA LYS A 315 -4.45 9.31 -9.69
C LYS A 315 -3.10 9.75 -9.15
N ILE A 316 -3.13 10.31 -7.95
CA ILE A 316 -1.94 10.85 -7.31
C ILE A 316 -0.87 9.81 -7.13
N ILE A 317 -1.29 8.66 -6.55
CA ILE A 317 -0.35 7.59 -6.31
C ILE A 317 0.19 6.96 -7.57
N GLN A 318 -0.66 6.81 -8.56
CA GLN A 318 -0.27 6.23 -9.81
C GLN A 318 0.78 7.12 -10.48
N VAL A 319 0.54 8.43 -10.43
CA VAL A 319 1.54 9.39 -10.93
C VAL A 319 2.86 9.22 -10.13
N PHE A 320 2.75 9.19 -8.81
CA PHE A 320 3.91 9.06 -7.95
C PHE A 320 4.73 7.87 -8.41
N VAL A 321 4.03 6.77 -8.62
CA VAL A 321 4.68 5.52 -8.93
C VAL A 321 5.35 5.59 -10.32
N LEU A 322 4.59 6.03 -11.30
CA LEU A 322 5.21 6.21 -12.65
C LEU A 322 6.41 7.11 -12.60
N GLU A 323 6.30 8.19 -11.86
CA GLU A 323 7.40 9.11 -11.77
C GLU A 323 8.55 8.51 -11.06
N TYR A 324 8.30 7.77 -9.96
CA TYR A 324 9.37 7.10 -9.30
C TYR A 324 10.10 6.13 -10.19
N LEU A 325 9.35 5.41 -11.01
CA LEU A 325 9.87 4.34 -11.83
C LEU A 325 10.36 4.90 -13.17
N HIS A 326 10.18 6.18 -13.41
CA HIS A 326 10.57 6.77 -14.69
C HIS A 326 9.81 6.12 -15.85
N LEU A 327 8.50 6.00 -15.67
CA LEU A 327 7.68 5.40 -16.65
C LEU A 327 6.70 6.39 -17.11
C1 NAG B . 4.98 14.72 -22.43
C2 NAG B . 5.04 15.33 -23.85
C3 NAG B . 4.88 14.29 -24.94
C4 NAG B . 5.86 13.15 -24.67
C5 NAG B . 5.49 12.64 -23.24
C6 NAG B . 6.02 11.31 -22.76
C7 NAG B . 4.46 17.66 -24.05
C8 NAG B . 3.42 18.73 -24.25
N2 NAG B . 4.05 16.39 -24.04
O3 NAG B . 5.08 14.96 -26.16
O4 NAG B . 5.70 12.21 -25.71
O5 NAG B . 5.84 13.61 -22.28
O6 NAG B . 7.37 11.43 -22.47
O7 NAG B . 5.65 17.98 -23.94
C1 NAG B . 6.91 11.48 -25.98
C2 NAG B . 6.57 10.01 -26.26
C3 NAG B . 7.87 9.25 -26.51
C4 NAG B . 8.54 9.80 -27.78
C5 NAG B . 8.86 11.27 -27.44
C6 NAG B . 9.58 11.99 -28.57
C7 NAG B . 4.55 9.05 -25.20
C8 NAG B . 4.01 8.40 -23.95
N2 NAG B . 5.84 9.39 -25.17
O3 NAG B . 7.56 7.88 -26.54
O4 NAG B . 9.71 9.11 -28.25
O5 NAG B . 7.69 12.00 -27.07
O6 NAG B . 9.25 13.36 -28.53
O7 NAG B . 3.78 9.26 -26.15
C1 NAG B . 9.36 7.94 -29.04
C2 NAG B . 10.40 7.52 -30.10
C3 NAG B . 9.84 6.30 -30.88
C4 NAG B . 9.19 5.21 -30.00
C5 NAG B . 8.33 5.78 -28.86
C6 NAG B . 7.87 4.70 -27.87
C7 NAG B . 12.02 8.79 -31.56
C8 NAG B . 12.22 9.97 -32.48
N2 NAG B . 10.79 8.60 -31.01
O3 NAG B . 10.88 5.71 -31.64
O4 NAG B . 8.41 4.32 -30.76
O5 NAG B . 9.07 6.80 -28.21
O6 NAG B . 7.08 5.24 -26.84
O7 NAG B . 13.00 8.07 -31.35
ZN ZN C . -7.33 -1.12 11.70
CAA PBD D . 0.00 10.04 15.66
CAB PBD D . -4.01 9.53 14.89
SAC PBD D . -3.93 2.41 17.67
CAD PBD D . -4.98 0.55 10.87
CAE PBD D . -1.59 6.03 17.81
CAF PBD D . -0.74 7.07 17.58
CAG PBD D . -3.81 1.04 11.41
CAH PBD D . -4.89 -0.10 12.92
CAI PBD D . -3.38 7.09 16.56
CAJ PBD D . -3.04 2.18 14.47
CAK PBD D . -2.04 2.27 15.61
CAL PBD D . -2.80 0.85 13.75
NAM PBD D . -5.63 -0.17 11.81
NAN PBD D . -2.17 3.52 16.32
NAO PBD D . -3.52 4.90 17.67
OAP PBD D . -0.19 9.09 16.74
OAQ PBD D . -2.85 9.30 15.63
CAR PBD D . -3.16 3.70 17.20
CAS PBD D . -2.87 6.02 17.33
CAT PBD D . -1.19 8.15 16.86
CAU PBD D . -2.50 8.17 16.32
NAV PBD D . -3.81 0.65 12.69
S SO4 E . -7.83 -4.34 -17.93
O1 SO4 E . -8.05 -2.90 -17.97
O2 SO4 E . -7.70 -4.75 -19.33
O3 SO4 E . -6.64 -4.81 -17.15
O4 SO4 E . -9.04 -4.93 -17.29
C ACT F . 27.94 -7.86 -2.08
O ACT F . 28.02 -7.06 -1.10
OXT ACT F . 27.98 -9.11 -1.90
CH3 ACT F . 27.73 -7.37 -3.49
#